data_1KQ5
#
_entry.id   1KQ5
#
_cell.length_a   56.37
_cell.length_b   86.61
_cell.length_c   160.44
_cell.angle_alpha   90.00
_cell.angle_beta   90.00
_cell.angle_gamma   90.00
#
_symmetry.space_group_name_H-M   'I 21 21 21'
#
_entity_poly.entity_id   1
_entity_poly.type   'polypeptide(L)'
_entity_poly.pdbx_seq_one_letter_code
;MPPRKELVGNKWFIENYENETESLVIDANKDESIFIGKCSQVLVQIKGKVNAISLSETESCSVVLDSSISGMDVIKSNKF
GIQVNHSLPQISIDKSDGGNIYLSKESLNTEIYTSCSTAINVNLPIGEDDDYVEFPISEQMKHSFADGKFKSAVFEHAG
;
_entity_poly.pdbx_strand_id   A,B
#
# COMPACT_ATOMS: atom_id res chain seq x y z
N MET A 1 -2.92 2.44 22.29
CA MET A 1 -3.69 2.09 21.06
C MET A 1 -4.53 0.82 21.28
N PRO A 2 -5.87 0.97 21.34
CA PRO A 2 -6.78 -0.16 21.56
C PRO A 2 -7.07 -0.90 20.26
N PRO A 3 -7.61 -2.12 20.34
CA PRO A 3 -7.92 -2.89 19.13
C PRO A 3 -8.65 -2.06 18.07
N ARG A 4 -8.42 -2.40 16.81
CA ARG A 4 -9.05 -1.72 15.69
C ARG A 4 -9.35 -2.77 14.64
N LYS A 5 -10.53 -2.70 14.04
CA LYS A 5 -10.94 -3.66 13.03
C LYS A 5 -12.05 -2.98 12.26
N GLU A 6 -11.70 -1.89 11.60
CA GLU A 6 -12.67 -1.10 10.85
C GLU A 6 -12.36 -0.89 9.37
N LEU A 7 -13.42 -0.73 8.60
CA LEU A 7 -13.30 -0.50 7.18
C LEU A 7 -13.48 0.99 6.93
N VAL A 8 -12.49 1.63 6.35
CA VAL A 8 -12.59 3.05 6.06
C VAL A 8 -12.58 3.23 4.54
N GLY A 9 -13.76 3.44 3.98
CA GLY A 9 -13.87 3.58 2.55
C GLY A 9 -13.69 2.19 1.96
N ASN A 10 -12.55 1.96 1.31
CA ASN A 10 -12.26 0.67 0.71
C ASN A 10 -10.96 0.13 1.30
N LYS A 11 -10.69 0.42 2.56
CA LYS A 11 -9.48 -0.06 3.19
C LYS A 11 -9.71 -0.66 4.56
N TRP A 12 -9.45 -1.96 4.67
CA TRP A 12 -9.61 -2.63 5.96
C TRP A 12 -8.37 -2.46 6.84
N PHE A 13 -8.57 -1.92 8.04
CA PHE A 13 -7.49 -1.74 8.99
C PHE A 13 -7.67 -2.69 10.16
N ILE A 14 -6.66 -3.51 10.43
CA ILE A 14 -6.70 -4.43 11.56
C ILE A 14 -5.39 -4.15 12.28
N GLU A 15 -5.47 -3.39 13.37
CA GLU A 15 -4.28 -3.02 14.13
C GLU A 15 -4.42 -3.28 15.63
N ASN A 16 -3.29 -3.25 16.32
CA ASN A 16 -3.23 -3.45 17.77
C ASN A 16 -4.05 -4.60 18.31
N TYR A 17 -3.59 -5.83 18.10
CA TYR A 17 -4.26 -7.03 18.60
C TYR A 17 -3.19 -7.89 19.26
N GLU A 18 -3.43 -8.31 20.49
CA GLU A 18 -2.49 -9.15 21.22
C GLU A 18 -3.07 -10.55 21.33
N ASN A 19 -2.18 -11.53 21.49
CA ASN A 19 -2.55 -12.95 21.63
C ASN A 19 -4.02 -13.25 21.44
N GLU A 20 -4.44 -13.43 20.19
CA GLU A 20 -5.84 -13.73 19.88
C GLU A 20 -6.14 -15.21 19.83
N THR A 21 -7.00 -15.64 20.75
CA THR A 21 -7.40 -17.04 20.83
C THR A 21 -8.18 -17.49 19.61
N GLU A 22 -9.11 -16.66 19.16
CA GLU A 22 -9.93 -16.98 18.00
C GLU A 22 -9.46 -16.26 16.74
N SER A 23 -9.75 -16.88 15.60
CA SER A 23 -9.38 -16.34 14.29
C SER A 23 -10.17 -15.08 13.95
N LEU A 24 -9.43 -14.04 13.54
CA LEU A 24 -10.01 -12.75 13.16
C LEU A 24 -10.39 -12.79 11.68
N VAL A 25 -11.69 -12.69 11.38
CA VAL A 25 -12.17 -12.77 10.01
C VAL A 25 -12.63 -11.48 9.33
N ILE A 26 -12.46 -11.42 8.01
CA ILE A 26 -12.85 -10.27 7.21
C ILE A 26 -13.47 -10.75 5.91
N ASP A 27 -14.67 -10.28 5.59
CA ASP A 27 -15.29 -10.67 4.33
C ASP A 27 -15.12 -9.46 3.42
N ALA A 28 -14.09 -9.53 2.60
CA ALA A 28 -13.74 -8.45 1.70
C ALA A 28 -14.37 -8.56 0.33
N ASN A 29 -14.13 -7.54 -0.49
CA ASN A 29 -14.62 -7.44 -1.85
C ASN A 29 -13.40 -7.12 -2.71
N LYS A 30 -13.48 -7.42 -4.01
CA LYS A 30 -12.35 -7.19 -4.89
C LYS A 30 -11.88 -5.75 -5.02
N ASP A 31 -12.65 -4.81 -4.49
CA ASP A 31 -12.28 -3.40 -4.57
C ASP A 31 -11.69 -2.90 -3.25
N GLU A 32 -11.59 -3.79 -2.28
CA GLU A 32 -11.05 -3.44 -0.97
C GLU A 32 -9.58 -3.83 -0.79
N SER A 33 -8.91 -3.19 0.16
CA SER A 33 -7.52 -3.47 0.45
C SER A 33 -7.42 -3.81 1.94
N ILE A 34 -6.48 -4.66 2.31
CA ILE A 34 -6.35 -5.05 3.71
C ILE A 34 -5.02 -4.60 4.31
N PHE A 35 -5.07 -3.88 5.42
CA PHE A 35 -3.85 -3.48 6.10
C PHE A 35 -3.81 -4.07 7.50
N ILE A 36 -2.73 -4.75 7.82
CA ILE A 36 -2.57 -5.36 9.12
C ILE A 36 -1.28 -4.81 9.69
N GLY A 37 -1.37 -4.22 10.88
CA GLY A 37 -0.18 -3.65 11.50
C GLY A 37 -0.22 -3.76 13.00
N LYS A 38 0.95 -3.65 13.62
CA LYS A 38 1.08 -3.73 15.07
C LYS A 38 0.22 -4.80 15.70
N CYS A 39 0.50 -6.06 15.33
CA CYS A 39 -0.23 -7.18 15.87
C CYS A 39 0.72 -8.30 16.29
N SER A 40 0.28 -9.12 17.23
CA SER A 40 1.10 -10.23 17.72
C SER A 40 0.22 -11.43 18.03
N GLN A 41 0.65 -12.60 17.56
CA GLN A 41 -0.12 -13.82 17.81
C GLN A 41 -1.55 -13.57 17.35
N VAL A 42 -1.72 -13.43 16.04
CA VAL A 42 -3.02 -13.18 15.45
C VAL A 42 -3.09 -13.90 14.12
N LEU A 43 -4.29 -14.32 13.73
CA LEU A 43 -4.45 -14.97 12.44
C LEU A 43 -5.65 -14.36 11.74
N VAL A 44 -5.36 -13.44 10.83
CA VAL A 44 -6.39 -12.76 10.06
C VAL A 44 -6.73 -13.70 8.92
N GLN A 45 -8.02 -13.91 8.66
CA GLN A 45 -8.45 -14.76 7.57
C GLN A 45 -9.28 -13.93 6.58
N ILE A 46 -8.67 -13.62 5.45
CA ILE A 46 -9.33 -12.81 4.43
C ILE A 46 -10.15 -13.64 3.43
N LYS A 47 -11.48 -13.54 3.54
CA LYS A 47 -12.39 -14.27 2.65
C LYS A 47 -12.79 -13.40 1.47
N GLY A 48 -12.75 -13.98 0.28
CA GLY A 48 -13.09 -13.25 -0.93
C GLY A 48 -11.88 -12.62 -1.56
N LYS A 49 -11.96 -12.30 -2.85
CA LYS A 49 -10.84 -11.67 -3.54
C LYS A 49 -10.67 -10.25 -3.03
N VAL A 50 -9.43 -9.75 -3.04
CA VAL A 50 -9.15 -8.38 -2.60
C VAL A 50 -8.18 -7.70 -3.55
N ASN A 51 -8.01 -6.40 -3.42
CA ASN A 51 -7.10 -5.71 -4.31
C ASN A 51 -5.67 -5.80 -3.78
N ALA A 52 -5.50 -5.87 -2.46
CA ALA A 52 -4.16 -5.92 -1.90
C ALA A 52 -4.18 -6.34 -0.45
N ILE A 53 -3.03 -6.77 0.05
CA ILE A 53 -2.92 -7.19 1.43
C ILE A 53 -1.58 -6.71 1.92
N SER A 54 -1.52 -6.11 3.10
CA SER A 54 -0.25 -5.65 3.61
C SER A 54 -0.07 -6.00 5.09
N LEU A 55 1.03 -6.67 5.41
CA LEU A 55 1.33 -7.07 6.77
C LEU A 55 2.46 -6.18 7.23
N SER A 56 2.21 -5.33 8.22
CA SER A 56 3.25 -4.40 8.68
C SER A 56 3.44 -4.42 10.19
N GLU A 57 4.71 -4.40 10.60
CA GLU A 57 5.09 -4.43 12.01
C GLU A 57 4.28 -5.42 12.83
N THR A 58 4.55 -6.70 12.60
CA THR A 58 3.85 -7.77 13.31
C THR A 58 4.82 -8.83 13.79
N GLU A 59 4.38 -9.60 14.78
CA GLU A 59 5.18 -10.68 15.35
C GLU A 59 4.30 -11.92 15.49
N SER A 60 4.71 -13.01 14.86
CA SER A 60 3.97 -14.27 14.95
C SER A 60 2.51 -14.09 14.54
N CYS A 61 2.30 -13.58 13.34
CA CYS A 61 0.96 -13.39 12.79
C CYS A 61 0.86 -14.23 11.54
N SER A 62 -0.36 -14.63 11.19
CA SER A 62 -0.54 -15.44 10.01
C SER A 62 -1.73 -14.97 9.21
N VAL A 63 -1.53 -14.83 7.91
CA VAL A 63 -2.58 -14.36 7.04
C VAL A 63 -3.03 -15.46 6.11
N VAL A 64 -4.33 -15.75 6.15
CA VAL A 64 -4.91 -16.77 5.29
C VAL A 64 -5.82 -16.06 4.29
N LEU A 65 -5.40 -16.04 3.04
CA LEU A 65 -6.16 -15.35 2.00
C LEU A 65 -6.49 -16.23 0.82
N ASP A 66 -7.54 -15.86 0.09
CA ASP A 66 -7.93 -16.60 -1.09
C ASP A 66 -7.13 -16.10 -2.28
N SER A 67 -7.33 -14.84 -2.64
CA SER A 67 -6.59 -14.26 -3.75
C SER A 67 -6.49 -12.75 -3.62
N SER A 68 -5.53 -12.17 -4.32
CA SER A 68 -5.31 -10.73 -4.29
C SER A 68 -4.83 -10.24 -5.65
N ILE A 69 -5.58 -9.31 -6.23
CA ILE A 69 -5.26 -8.76 -7.53
C ILE A 69 -3.82 -8.28 -7.66
N SER A 70 -3.38 -7.42 -6.73
CA SER A 70 -2.02 -6.88 -6.78
C SER A 70 -0.96 -7.52 -5.85
N GLY A 71 -1.34 -8.58 -5.13
CA GLY A 71 -0.38 -9.25 -4.29
C GLY A 71 -0.45 -8.94 -2.82
N MET A 72 0.69 -9.09 -2.14
CA MET A 72 0.78 -8.84 -0.71
C MET A 72 2.14 -8.25 -0.35
N ASP A 73 2.21 -7.50 0.74
CA ASP A 73 3.45 -6.90 1.20
C ASP A 73 3.68 -7.33 2.64
N VAL A 74 4.92 -7.57 2.99
CA VAL A 74 5.26 -7.94 4.36
C VAL A 74 6.45 -7.06 4.71
N ILE A 75 6.33 -6.23 5.74
CA ILE A 75 7.45 -5.40 6.13
C ILE A 75 7.58 -5.37 7.64
N LYS A 76 8.81 -5.46 8.12
CA LYS A 76 9.10 -5.47 9.56
C LYS A 76 8.18 -6.45 10.28
N SER A 77 8.22 -7.69 9.82
CA SER A 77 7.41 -8.74 10.39
C SER A 77 8.23 -10.02 10.59
N ASN A 78 8.23 -10.51 11.83
CA ASN A 78 8.97 -11.72 12.16
C ASN A 78 8.00 -12.83 12.53
N LYS A 79 8.39 -14.06 12.26
CA LYS A 79 7.53 -15.18 12.58
C LYS A 79 6.20 -15.06 11.82
N PHE A 80 6.24 -14.69 10.54
CA PHE A 80 4.99 -14.56 9.82
C PHE A 80 4.71 -15.77 8.96
N GLY A 81 3.43 -16.02 8.71
CA GLY A 81 3.04 -17.14 7.88
C GLY A 81 1.91 -16.72 6.95
N ILE A 82 2.08 -16.99 5.66
CA ILE A 82 1.08 -16.62 4.67
C ILE A 82 0.58 -17.88 3.99
N GLN A 83 -0.72 -18.03 3.85
CA GLN A 83 -1.27 -19.18 3.15
C GLN A 83 -2.19 -18.71 2.03
N VAL A 84 -1.86 -19.05 0.79
CA VAL A 84 -2.67 -18.61 -0.32
C VAL A 84 -3.58 -19.70 -0.85
N ASN A 85 -4.89 -19.53 -0.68
CA ASN A 85 -5.88 -20.51 -1.13
C ASN A 85 -6.03 -20.55 -2.63
N HIS A 86 -5.92 -19.40 -3.29
CA HIS A 86 -6.05 -19.35 -4.74
C HIS A 86 -4.81 -18.75 -5.38
N SER A 87 -4.80 -17.45 -5.66
CA SER A 87 -3.61 -16.85 -6.29
C SER A 87 -3.36 -15.37 -6.02
N LEU A 88 -2.19 -14.92 -6.44
CA LEU A 88 -1.77 -13.54 -6.32
C LEU A 88 -0.46 -13.40 -7.07
N PRO A 89 -0.31 -12.36 -7.89
CA PRO A 89 0.94 -12.21 -8.62
C PRO A 89 2.21 -12.30 -7.78
N GLN A 90 2.31 -11.51 -6.72
CA GLN A 90 3.53 -11.56 -5.92
C GLN A 90 3.35 -11.35 -4.42
N ILE A 91 4.41 -11.69 -3.69
CA ILE A 91 4.45 -11.50 -2.25
C ILE A 91 5.81 -10.87 -2.07
N SER A 92 5.83 -9.72 -1.40
CA SER A 92 7.08 -9.03 -1.18
C SER A 92 7.41 -9.01 0.31
N ILE A 93 8.62 -9.47 0.63
CA ILE A 93 9.06 -9.51 2.00
C ILE A 93 10.24 -8.56 2.15
N ASP A 94 10.18 -7.69 3.15
CA ASP A 94 11.24 -6.74 3.39
C ASP A 94 11.48 -6.66 4.90
N LYS A 95 12.73 -6.41 5.29
CA LYS A 95 13.12 -6.34 6.69
C LYS A 95 12.30 -7.27 7.57
N SER A 96 12.12 -8.51 7.16
CA SER A 96 11.36 -9.44 7.96
C SER A 96 12.22 -10.64 8.38
N ASP A 97 11.94 -11.18 9.57
CA ASP A 97 12.70 -12.33 10.07
C ASP A 97 11.86 -13.56 10.36
N GLY A 98 12.07 -14.60 9.55
CA GLY A 98 11.33 -15.83 9.73
C GLY A 98 9.91 -15.75 9.21
N GLY A 99 9.69 -16.35 8.05
CA GLY A 99 8.36 -16.36 7.46
C GLY A 99 8.14 -17.64 6.69
N ASN A 100 6.88 -18.07 6.60
CA ASN A 100 6.54 -19.30 5.91
C ASN A 100 5.31 -19.18 5.03
N ILE A 101 5.55 -19.17 3.73
CA ILE A 101 4.50 -19.04 2.74
C ILE A 101 4.00 -20.41 2.29
N TYR A 102 2.71 -20.51 1.99
CA TYR A 102 2.12 -21.75 1.51
C TYR A 102 1.27 -21.45 0.28
N LEU A 103 1.85 -21.63 -0.89
CA LEU A 103 1.13 -21.36 -2.12
C LEU A 103 0.15 -22.46 -2.47
N SER A 104 -0.46 -22.37 -3.64
CA SER A 104 -1.44 -23.37 -4.05
C SER A 104 -1.21 -23.66 -5.51
N LYS A 105 -1.69 -24.80 -5.98
CA LYS A 105 -1.49 -25.17 -7.38
C LYS A 105 -1.76 -23.96 -8.25
N GLU A 106 -2.85 -23.27 -7.98
CA GLU A 106 -3.15 -22.09 -8.76
C GLU A 106 -2.00 -21.11 -8.60
N SER A 107 -1.72 -20.73 -7.36
CA SER A 107 -0.67 -19.77 -7.04
C SER A 107 0.74 -20.37 -7.04
N LEU A 108 1.01 -21.27 -7.97
CA LEU A 108 2.32 -21.89 -8.03
C LEU A 108 3.38 -21.03 -8.71
N ASN A 109 2.94 -20.02 -9.46
CA ASN A 109 3.91 -19.17 -10.17
C ASN A 109 4.17 -17.84 -9.51
N THR A 110 3.48 -17.62 -8.40
CA THR A 110 3.62 -16.40 -7.62
C THR A 110 5.06 -15.93 -7.44
N GLU A 111 5.40 -14.77 -7.97
CA GLU A 111 6.76 -14.26 -7.80
C GLU A 111 6.98 -13.84 -6.36
N ILE A 112 8.20 -13.97 -5.87
CA ILE A 112 8.52 -13.60 -4.49
C ILE A 112 9.78 -12.75 -4.43
N TYR A 113 9.67 -11.62 -3.78
CA TYR A 113 10.80 -10.72 -3.66
C TYR A 113 11.15 -10.58 -2.20
N THR A 114 12.44 -10.66 -1.90
CA THR A 114 12.88 -10.53 -0.53
C THR A 114 14.00 -9.52 -0.49
N SER A 115 14.05 -8.78 0.60
CA SER A 115 15.07 -7.78 0.77
C SER A 115 15.33 -7.60 2.25
N CYS A 116 16.57 -7.82 2.67
CA CYS A 116 16.92 -7.63 4.07
C CYS A 116 16.09 -8.52 5.00
N SER A 117 15.70 -9.71 4.53
CA SER A 117 14.91 -10.64 5.35
C SER A 117 15.66 -11.95 5.58
N THR A 118 15.19 -12.75 6.54
CA THR A 118 15.84 -14.03 6.86
C THR A 118 14.88 -15.12 7.31
N ALA A 119 15.29 -16.37 7.12
CA ALA A 119 14.50 -17.53 7.49
C ALA A 119 13.14 -17.55 6.79
N ILE A 120 13.14 -17.34 5.49
CA ILE A 120 11.89 -17.35 4.75
C ILE A 120 11.76 -18.68 4.00
N ASN A 121 10.61 -19.32 4.13
CA ASN A 121 10.39 -20.59 3.46
C ASN A 121 9.12 -20.61 2.61
N VAL A 122 9.28 -21.08 1.37
CA VAL A 122 8.20 -21.17 0.41
C VAL A 122 7.90 -22.63 0.14
N ASN A 123 6.67 -23.06 0.39
CA ASN A 123 6.29 -24.45 0.19
C ASN A 123 5.33 -24.67 -0.96
N LEU A 124 5.81 -25.24 -2.06
CA LEU A 124 4.94 -25.49 -3.20
C LEU A 124 4.36 -26.91 -3.12
N PRO A 125 3.08 -27.09 -3.48
CA PRO A 125 2.42 -28.40 -3.46
C PRO A 125 2.80 -29.21 -4.69
N ILE A 126 4.10 -29.38 -4.92
CA ILE A 126 4.59 -30.11 -6.09
C ILE A 126 5.13 -31.51 -5.78
N GLY A 127 5.02 -31.93 -4.54
CA GLY A 127 5.52 -33.24 -4.15
C GLY A 127 4.68 -34.41 -4.64
N GLU A 128 4.34 -35.31 -3.72
CA GLU A 128 3.56 -36.51 -4.01
C GLU A 128 2.12 -36.12 -4.36
N ASP A 129 2.01 -35.22 -5.32
CA ASP A 129 0.73 -34.70 -5.77
C ASP A 129 0.17 -33.86 -4.63
N ASP A 130 0.23 -32.54 -4.80
CA ASP A 130 -0.25 -31.57 -3.82
C ASP A 130 0.22 -31.88 -2.39
N ASP A 131 1.53 -32.04 -2.23
CA ASP A 131 2.13 -32.30 -0.93
C ASP A 131 3.26 -31.31 -0.77
N TYR A 132 3.16 -30.41 0.20
CA TYR A 132 4.18 -29.38 0.40
C TYR A 132 5.65 -29.81 0.46
N VAL A 133 6.47 -28.97 -0.15
CA VAL A 133 7.90 -29.19 -0.25
C VAL A 133 8.62 -27.87 0.01
N GLU A 134 9.19 -27.73 1.20
CA GLU A 134 9.89 -26.52 1.62
C GLU A 134 11.04 -26.11 0.70
N PHE A 135 11.27 -24.79 0.63
CA PHE A 135 12.34 -24.20 -0.18
C PHE A 135 12.95 -23.03 0.58
N PRO A 136 13.94 -23.31 1.44
CA PRO A 136 14.58 -22.24 2.21
C PRO A 136 15.14 -21.18 1.27
N ILE A 137 14.69 -19.94 1.43
CA ILE A 137 15.13 -18.83 0.58
C ILE A 137 16.48 -18.27 0.99
N SER A 138 17.42 -18.27 0.04
CA SER A 138 18.76 -17.76 0.27
C SER A 138 18.80 -16.29 0.63
N GLU A 139 19.69 -15.94 1.56
CA GLU A 139 19.81 -14.57 2.03
C GLU A 139 21.22 -14.05 1.80
N GLN A 140 22.01 -14.80 1.04
CA GLN A 140 23.39 -14.40 0.76
C GLN A 140 23.61 -14.10 -0.71
N MET A 141 24.49 -13.14 -0.99
CA MET A 141 24.80 -12.79 -2.38
C MET A 141 26.30 -12.80 -2.58
N LYS A 142 26.74 -13.17 -3.79
CA LYS A 142 28.16 -13.17 -4.11
C LYS A 142 28.33 -12.18 -5.27
N HIS A 143 29.35 -11.34 -5.21
CA HIS A 143 29.59 -10.37 -6.28
C HIS A 143 31.05 -10.42 -6.63
N SER A 144 31.37 -10.47 -7.91
CA SER A 144 32.76 -10.56 -8.29
C SER A 144 33.00 -10.29 -9.75
N PHE A 145 34.26 -10.03 -10.08
CA PHE A 145 34.66 -9.82 -11.46
C PHE A 145 35.21 -11.15 -11.96
N ALA A 146 34.59 -11.69 -13.01
CA ALA A 146 35.04 -12.94 -13.59
C ALA A 146 34.69 -12.95 -15.08
N ASP A 147 35.65 -13.35 -15.89
CA ASP A 147 35.46 -13.42 -17.32
C ASP A 147 35.06 -12.09 -17.91
N GLY A 148 35.88 -11.07 -17.65
CA GLY A 148 35.64 -9.76 -18.19
C GLY A 148 34.43 -8.97 -17.71
N LYS A 149 33.54 -9.60 -16.95
CA LYS A 149 32.37 -8.89 -16.46
C LYS A 149 32.18 -9.12 -14.94
N PHE A 150 31.69 -8.08 -14.26
CA PHE A 150 31.45 -8.11 -12.82
C PHE A 150 30.01 -8.51 -12.56
N LYS A 151 29.74 -9.81 -12.58
CA LYS A 151 28.38 -10.31 -12.36
C LYS A 151 28.04 -10.55 -10.88
N SER A 152 26.75 -10.73 -10.61
CA SER A 152 26.23 -11.02 -9.27
C SER A 152 25.64 -12.42 -9.31
N ALA A 153 25.15 -12.89 -8.16
CA ALA A 153 24.55 -14.24 -8.06
C ALA A 153 24.17 -14.61 -6.65
N VAL A 154 23.06 -15.35 -6.53
CA VAL A 154 22.56 -15.81 -5.24
C VAL A 154 23.48 -16.92 -4.75
N PHE A 155 23.75 -16.97 -3.45
CA PHE A 155 24.62 -18.01 -2.93
C PHE A 155 23.97 -19.37 -2.71
N GLU A 156 24.51 -20.36 -3.42
CA GLU A 156 24.04 -21.74 -3.32
C GLU A 156 25.26 -22.56 -2.87
N MET B 1 19.90 7.48 1.40
CA MET B 1 20.08 6.54 0.24
C MET B 1 20.14 7.32 -1.07
N PRO B 2 20.68 6.70 -2.12
CA PRO B 2 20.78 7.38 -3.43
C PRO B 2 19.46 7.28 -4.18
N PRO B 3 19.27 8.10 -5.22
CA PRO B 3 18.03 8.06 -5.99
C PRO B 3 17.60 6.63 -6.38
N ARG B 4 16.30 6.43 -6.48
CA ARG B 4 15.73 5.14 -6.85
C ARG B 4 14.53 5.42 -7.73
N LYS B 5 14.37 4.64 -8.79
CA LYS B 5 13.28 4.82 -9.73
C LYS B 5 13.19 3.49 -10.47
N GLU B 6 12.85 2.44 -9.73
CA GLU B 6 12.77 1.11 -10.28
C GLU B 6 11.45 0.40 -10.11
N LEU B 7 11.16 -0.49 -11.05
CA LEU B 7 9.95 -1.28 -11.01
C LEU B 7 10.30 -2.67 -10.51
N VAL B 8 9.70 -3.07 -9.39
CA VAL B 8 9.96 -4.38 -8.84
C VAL B 8 8.68 -5.18 -8.94
N GLY B 9 8.61 -6.05 -9.93
CA GLY B 9 7.42 -6.85 -10.13
C GLY B 9 6.37 -5.93 -10.72
N ASN B 10 5.37 -5.60 -9.90
CA ASN B 10 4.30 -4.72 -10.31
C ASN B 10 4.22 -3.53 -9.38
N LYS B 11 5.37 -3.12 -8.86
CA LYS B 11 5.38 -1.98 -7.93
C LYS B 11 6.45 -0.96 -8.25
N TRP B 12 6.03 0.25 -8.63
CA TRP B 12 6.98 1.31 -8.93
C TRP B 12 7.44 2.03 -7.67
N PHE B 13 8.75 2.05 -7.46
CA PHE B 13 9.33 2.73 -6.30
C PHE B 13 10.09 3.96 -6.78
N ILE B 14 9.73 5.12 -6.24
CA ILE B 14 10.41 6.36 -6.56
C ILE B 14 10.75 6.95 -5.19
N GLU B 15 12.00 6.80 -4.78
CA GLU B 15 12.42 7.30 -3.48
C GLU B 15 13.71 8.12 -3.52
N ASN B 16 13.98 8.85 -2.45
CA ASN B 16 15.17 9.67 -2.31
C ASN B 16 15.51 10.54 -3.52
N TYR B 17 14.75 11.61 -3.73
CA TYR B 17 14.99 12.55 -4.81
C TYR B 17 14.92 13.94 -4.22
N GLU B 18 15.95 14.75 -4.49
CA GLU B 18 16.01 16.11 -3.97
C GLU B 18 15.79 17.08 -5.13
N ASN B 19 15.35 18.28 -4.78
CA ASN B 19 15.08 19.35 -5.75
C ASN B 19 15.26 18.95 -7.22
N GLU B 20 14.22 18.39 -7.81
CA GLU B 20 14.28 17.96 -9.19
C GLU B 20 13.82 19.03 -10.17
N THR B 21 14.74 19.47 -11.02
CA THR B 21 14.47 20.49 -12.02
C THR B 21 13.45 20.01 -13.06
N GLU B 22 13.65 18.78 -13.54
CA GLU B 22 12.76 18.20 -14.54
C GLU B 22 11.75 17.24 -13.94
N SER B 23 10.61 17.10 -14.61
CA SER B 23 9.53 16.23 -14.21
C SER B 23 9.90 14.76 -14.35
N LEU B 24 9.69 14.01 -13.27
CA LEU B 24 9.98 12.57 -13.20
C LEU B 24 8.76 11.80 -13.73
N VAL B 25 8.94 11.09 -14.83
CA VAL B 25 7.83 10.37 -15.47
C VAL B 25 7.82 8.84 -15.34
N ILE B 26 6.61 8.27 -15.32
CA ILE B 26 6.42 6.83 -15.22
C ILE B 26 5.29 6.40 -16.15
N ASP B 27 5.56 5.43 -17.02
CA ASP B 27 4.50 4.94 -17.89
C ASP B 27 4.05 3.63 -17.29
N ALA B 28 2.99 3.70 -16.50
CA ALA B 28 2.46 2.55 -15.80
C ALA B 28 1.42 1.79 -16.56
N ASN B 29 0.97 0.69 -15.95
CA ASN B 29 -0.06 -0.20 -16.51
C ASN B 29 -1.08 -0.38 -15.42
N LYS B 30 -2.31 -0.76 -15.76
CA LYS B 30 -3.37 -0.92 -14.78
C LYS B 30 -3.12 -1.97 -13.70
N ASP B 31 -2.09 -2.78 -13.87
CA ASP B 31 -1.79 -3.82 -12.88
C ASP B 31 -0.63 -3.41 -11.97
N GLU B 32 -0.11 -2.22 -12.18
CA GLU B 32 1.00 -1.71 -11.39
C GLU B 32 0.56 -0.75 -10.28
N SER B 33 1.43 -0.59 -9.29
CA SER B 33 1.17 0.29 -8.16
C SER B 33 2.34 1.28 -8.06
N ILE B 34 2.08 2.48 -7.59
CA ILE B 34 3.14 3.47 -7.49
C ILE B 34 3.41 3.87 -6.04
N PHE B 35 4.67 3.78 -5.62
CA PHE B 35 5.02 4.21 -4.28
C PHE B 35 6.05 5.33 -4.36
N ILE B 36 5.76 6.44 -3.69
CA ILE B 36 6.66 7.57 -3.70
C ILE B 36 6.95 7.88 -2.24
N GLY B 37 8.22 7.90 -1.88
CA GLY B 37 8.59 8.19 -0.52
C GLY B 37 9.90 8.91 -0.42
N LYS B 38 10.13 9.55 0.74
CA LYS B 38 11.34 10.30 0.99
C LYS B 38 11.79 11.13 -0.20
N CYS B 39 10.96 12.09 -0.59
CA CYS B 39 11.26 12.97 -1.70
C CYS B 39 10.95 14.42 -1.34
N SER B 40 11.64 15.35 -2.00
CA SER B 40 11.43 16.77 -1.74
C SER B 40 11.56 17.54 -3.04
N GLN B 41 10.62 18.46 -3.28
CA GLN B 41 10.65 19.25 -4.49
C GLN B 41 10.77 18.31 -5.68
N VAL B 42 9.71 17.55 -5.92
CA VAL B 42 9.68 16.60 -7.01
C VAL B 42 8.27 16.56 -7.58
N LEU B 43 8.14 16.26 -8.87
CA LEU B 43 6.83 16.14 -9.47
C LEU B 43 6.80 14.88 -10.31
N VAL B 44 6.22 13.85 -9.74
CA VAL B 44 6.09 12.56 -10.41
C VAL B 44 4.85 12.67 -11.29
N GLN B 45 4.96 12.23 -12.54
CA GLN B 45 3.83 12.28 -13.45
C GLN B 45 3.51 10.86 -13.90
N ILE B 46 2.42 10.32 -13.37
CA ILE B 46 2.00 8.96 -13.68
C ILE B 46 1.09 8.87 -14.91
N LYS B 47 1.63 8.36 -16.01
CA LYS B 47 0.87 8.21 -17.25
C LYS B 47 0.25 6.81 -17.33
N GLY B 48 -1.03 6.76 -17.70
CA GLY B 48 -1.73 5.49 -17.80
C GLY B 48 -2.44 5.14 -16.52
N LYS B 49 -3.45 4.29 -16.60
CA LYS B 49 -4.19 3.90 -15.40
C LYS B 49 -3.31 3.02 -14.52
N VAL B 50 -3.50 3.08 -13.21
CA VAL B 50 -2.73 2.28 -12.26
C VAL B 50 -3.64 1.67 -11.19
N ASN B 51 -3.09 0.76 -10.39
CA ASN B 51 -3.87 0.08 -9.35
C ASN B 51 -3.82 0.78 -8.01
N ALA B 52 -2.84 1.66 -7.84
CA ALA B 52 -2.74 2.41 -6.60
C ALA B 52 -1.59 3.39 -6.63
N ILE B 53 -1.67 4.38 -5.76
CA ILE B 53 -0.63 5.39 -5.69
C ILE B 53 -0.46 5.72 -4.24
N SER B 54 0.77 5.78 -3.77
CA SER B 54 1.00 6.11 -2.38
C SER B 54 2.13 7.13 -2.20
N LEU B 55 1.83 8.23 -1.52
CA LEU B 55 2.80 9.29 -1.27
C LEU B 55 3.16 9.18 0.21
N SER B 56 4.41 8.85 0.51
CA SER B 56 4.83 8.69 1.89
C SER B 56 6.09 9.46 2.24
N GLU B 57 6.07 10.11 3.41
CA GLU B 57 7.17 10.91 3.90
C GLU B 57 7.81 11.78 2.83
N THR B 58 7.08 12.82 2.43
CA THR B 58 7.54 13.74 1.41
C THR B 58 7.28 15.18 1.81
N GLU B 59 8.02 16.10 1.21
CA GLU B 59 7.92 17.54 1.47
C GLU B 59 7.87 18.28 0.13
N SER B 60 6.81 19.05 -0.09
CA SER B 60 6.67 19.81 -1.32
C SER B 60 6.83 18.93 -2.57
N CYS B 61 6.00 17.90 -2.66
CA CYS B 61 6.02 17.02 -3.80
C CYS B 61 4.65 17.09 -4.43
N SER B 62 4.57 16.81 -5.73
CA SER B 62 3.29 16.85 -6.41
C SER B 62 3.13 15.67 -7.34
N VAL B 63 1.97 15.04 -7.25
CA VAL B 63 1.70 13.88 -8.07
C VAL B 63 0.64 14.18 -9.10
N VAL B 64 0.97 13.95 -10.36
CA VAL B 64 0.03 14.18 -11.45
C VAL B 64 -0.32 12.82 -12.03
N LEU B 65 -1.55 12.39 -11.82
CA LEU B 65 -1.96 11.08 -12.29
C LEU B 65 -3.22 11.12 -13.14
N ASP B 66 -3.41 10.10 -13.97
CA ASP B 66 -4.59 10.02 -14.81
C ASP B 66 -5.70 9.38 -14.02
N SER B 67 -5.52 8.12 -13.64
CA SER B 67 -6.53 7.44 -12.86
C SER B 67 -5.91 6.31 -12.03
N SER B 68 -6.63 5.88 -11.02
CA SER B 68 -6.17 4.79 -10.17
C SER B 68 -7.35 3.95 -9.68
N ILE B 69 -7.30 2.67 -9.99
CA ILE B 69 -8.36 1.76 -9.61
C ILE B 69 -8.74 1.83 -8.13
N SER B 70 -7.76 1.75 -7.23
CA SER B 70 -8.04 1.77 -5.79
C SER B 70 -7.81 3.09 -5.05
N GLY B 71 -7.41 4.13 -5.78
CA GLY B 71 -7.20 5.41 -5.14
C GLY B 71 -5.78 5.84 -4.88
N MET B 72 -5.59 6.66 -3.87
CA MET B 72 -4.27 7.14 -3.49
C MET B 72 -4.16 7.33 -1.98
N ASP B 73 -2.95 7.23 -1.44
CA ASP B 73 -2.72 7.41 -0.02
C ASP B 73 -1.68 8.49 0.15
N VAL B 74 -1.84 9.31 1.18
CA VAL B 74 -0.85 10.33 1.46
C VAL B 74 -0.61 10.21 2.96
N ILE B 75 0.62 9.99 3.36
CA ILE B 75 0.92 9.91 4.79
C ILE B 75 2.24 10.61 5.11
N LYS B 76 2.24 11.38 6.19
CA LYS B 76 3.39 12.13 6.63
C LYS B 76 3.96 12.90 5.44
N SER B 77 3.11 13.72 4.85
CA SER B 77 3.50 14.54 3.71
C SER B 77 2.97 15.96 3.85
N ASN B 78 3.89 16.93 3.78
CA ASN B 78 3.54 18.33 3.90
C ASN B 78 3.77 19.03 2.58
N LYS B 79 2.99 20.05 2.31
CA LYS B 79 3.14 20.79 1.07
C LYS B 79 2.93 19.86 -0.12
N PHE B 80 1.92 19.01 -0.08
CA PHE B 80 1.72 18.10 -1.21
C PHE B 80 0.62 18.59 -2.12
N GLY B 81 0.70 18.17 -3.37
CA GLY B 81 -0.30 18.55 -4.34
C GLY B 81 -0.61 17.37 -5.24
N ILE B 82 -1.89 17.07 -5.39
CA ILE B 82 -2.33 15.96 -6.22
C ILE B 82 -3.21 16.50 -7.32
N GLN B 83 -3.00 16.06 -8.55
CA GLN B 83 -3.83 16.51 -9.66
C GLN B 83 -4.36 15.28 -10.39
N VAL B 84 -5.68 15.12 -10.42
CA VAL B 84 -6.26 13.96 -11.06
C VAL B 84 -6.83 14.27 -12.44
N ASN B 85 -6.19 13.74 -13.47
CA ASN B 85 -6.63 13.95 -14.85
C ASN B 85 -7.93 13.24 -15.18
N HIS B 86 -8.14 12.05 -14.64
CA HIS B 86 -9.38 11.32 -14.89
C HIS B 86 -10.11 10.98 -13.60
N SER B 87 -9.92 9.81 -13.03
CA SER B 87 -10.61 9.48 -11.79
C SER B 87 -9.94 8.48 -10.85
N LEU B 88 -10.52 8.37 -9.66
CA LEU B 88 -10.05 7.45 -8.63
C LEU B 88 -11.08 7.49 -7.52
N PRO B 89 -11.47 6.32 -7.00
CA PRO B 89 -12.47 6.33 -5.93
C PRO B 89 -12.14 7.27 -4.75
N GLN B 90 -10.96 7.14 -4.17
CA GLN B 90 -10.65 7.98 -3.02
C GLN B 90 -9.21 8.44 -2.87
N ILE B 91 -9.01 9.43 -2.01
CA ILE B 91 -7.70 9.95 -1.72
C ILE B 91 -7.72 10.02 -0.21
N SER B 92 -6.75 9.40 0.42
CA SER B 92 -6.70 9.41 1.87
C SER B 92 -5.48 10.19 2.34
N ILE B 93 -5.72 11.15 3.24
CA ILE B 93 -4.66 11.97 3.76
C ILE B 93 -4.58 11.70 5.25
N ASP B 94 -3.38 11.43 5.74
CA ASP B 94 -3.15 11.16 7.15
C ASP B 94 -1.87 11.84 7.57
N LYS B 95 -1.83 12.31 8.82
CA LYS B 95 -0.67 13.02 9.37
C LYS B 95 0.04 13.88 8.33
N SER B 96 -0.73 14.61 7.53
CA SER B 96 -0.10 15.46 6.53
C SER B 96 -0.43 16.93 6.78
N ASP B 97 0.51 17.80 6.41
CA ASP B 97 0.33 19.24 6.61
C ASP B 97 0.41 20.07 5.34
N GLY B 98 -0.74 20.61 4.94
CA GLY B 98 -0.80 21.43 3.75
C GLY B 98 -0.78 20.62 2.48
N GLY B 99 -1.95 20.48 1.87
CA GLY B 99 -2.05 19.74 0.63
C GLY B 99 -3.11 20.35 -0.26
N ASN B 100 -2.94 20.19 -1.58
CA ASN B 100 -3.88 20.75 -2.55
C ASN B 100 -4.23 19.78 -3.67
N ILE B 101 -5.46 19.28 -3.62
CA ILE B 101 -5.93 18.34 -4.60
C ILE B 101 -6.66 19.06 -5.74
N TYR B 102 -6.55 18.53 -6.94
CA TYR B 102 -7.24 19.10 -8.09
C TYR B 102 -7.94 17.99 -8.85
N LEU B 103 -9.23 17.80 -8.56
CA LEU B 103 -9.99 16.76 -9.21
C LEU B 103 -10.38 17.14 -10.63
N SER B 104 -11.19 16.31 -11.26
CA SER B 104 -11.59 16.56 -12.64
C SER B 104 -13.05 16.24 -12.78
N LYS B 105 -13.65 16.82 -13.82
CA LYS B 105 -15.05 16.63 -14.11
C LYS B 105 -15.36 15.14 -14.06
N GLU B 106 -14.36 14.32 -14.35
CA GLU B 106 -14.53 12.86 -14.34
C GLU B 106 -14.46 12.29 -12.93
N SER B 107 -13.58 12.86 -12.09
CA SER B 107 -13.42 12.37 -10.72
C SER B 107 -14.03 13.34 -9.71
N LEU B 108 -15.12 13.98 -10.11
CA LEU B 108 -15.78 14.95 -9.26
C LEU B 108 -16.25 14.35 -7.93
N ASN B 109 -16.57 13.06 -7.92
CA ASN B 109 -17.09 12.43 -6.71
C ASN B 109 -16.07 11.73 -5.79
N THR B 110 -14.82 11.69 -6.21
CA THR B 110 -13.75 11.08 -5.43
C THR B 110 -13.88 11.33 -3.92
N GLU B 111 -14.09 10.28 -3.14
CA GLU B 111 -14.20 10.44 -1.69
C GLU B 111 -12.85 10.83 -1.10
N ILE B 112 -12.88 11.62 -0.03
CA ILE B 112 -11.64 12.06 0.60
C ILE B 112 -11.70 11.89 2.11
N TYR B 113 -10.70 11.22 2.65
CA TYR B 113 -10.64 10.97 4.07
C TYR B 113 -9.43 11.65 4.64
N THR B 114 -9.60 12.34 5.75
CA THR B 114 -8.49 13.01 6.37
C THR B 114 -8.48 12.66 7.83
N SER B 115 -7.28 12.58 8.38
CA SER B 115 -7.12 12.23 9.77
C SER B 115 -5.84 12.85 10.26
N CYS B 116 -5.94 13.67 11.29
CA CYS B 116 -4.76 14.28 11.88
C CYS B 116 -3.95 15.12 10.85
N SER B 117 -4.66 15.73 9.88
CA SER B 117 -4.01 16.55 8.86
C SER B 117 -4.49 17.99 8.90
N THR B 118 -3.75 18.89 8.25
CA THR B 118 -4.13 20.31 8.24
C THR B 118 -3.80 21.02 6.93
N ALA B 119 -4.53 22.11 6.68
CA ALA B 119 -4.35 22.92 5.48
C ALA B 119 -4.52 22.12 4.21
N ILE B 120 -5.60 21.35 4.13
CA ILE B 120 -5.86 20.54 2.95
C ILE B 120 -6.92 21.22 2.11
N ASN B 121 -6.65 21.37 0.82
CA ASN B 121 -7.61 22.02 -0.08
C ASN B 121 -7.96 21.18 -1.29
N VAL B 122 -9.26 21.06 -1.53
CA VAL B 122 -9.77 20.28 -2.66
C VAL B 122 -10.41 21.25 -3.65
N ASN B 123 -9.93 21.23 -4.90
CA ASN B 123 -10.47 22.13 -5.92
C ASN B 123 -11.24 21.42 -7.01
N LEU B 124 -12.55 21.56 -7.02
CA LEU B 124 -13.37 20.93 -8.05
C LEU B 124 -13.59 21.90 -9.23
N PRO B 125 -13.54 21.39 -10.46
CA PRO B 125 -13.73 22.22 -11.67
C PRO B 125 -15.20 22.53 -11.93
N ILE B 126 -15.79 23.33 -11.04
CA ILE B 126 -17.19 23.66 -11.17
C ILE B 126 -17.52 25.13 -11.40
N GLY B 127 -16.50 25.95 -11.65
CA GLY B 127 -16.73 27.38 -11.85
C GLY B 127 -16.87 27.78 -13.30
N GLU B 128 -16.56 29.05 -13.58
CA GLU B 128 -16.63 29.58 -14.94
C GLU B 128 -15.73 28.75 -15.85
N ASP B 129 -16.25 28.32 -17.00
CA ASP B 129 -15.46 27.52 -17.92
C ASP B 129 -14.83 26.33 -17.22
N ASP B 130 -15.55 25.79 -16.23
CA ASP B 130 -15.06 24.64 -15.45
C ASP B 130 -13.75 24.93 -14.72
N ASP B 131 -13.59 26.16 -14.20
CA ASP B 131 -12.39 26.54 -13.46
C ASP B 131 -12.53 26.02 -12.05
N TYR B 132 -11.41 25.76 -11.40
CA TYR B 132 -11.41 25.22 -10.04
C TYR B 132 -12.04 26.14 -8.98
N VAL B 133 -12.81 25.53 -8.08
CA VAL B 133 -13.48 26.21 -6.98
C VAL B 133 -13.00 25.56 -5.68
N GLU B 134 -12.08 26.24 -4.99
CA GLU B 134 -11.50 25.72 -3.75
C GLU B 134 -12.52 25.36 -2.66
N PHE B 135 -12.14 24.40 -1.82
CA PHE B 135 -12.97 23.92 -0.71
C PHE B 135 -12.06 23.58 0.46
N PRO B 136 -11.76 24.57 1.30
CA PRO B 136 -10.89 24.33 2.46
C PRO B 136 -11.48 23.25 3.34
N ILE B 137 -10.73 22.17 3.55
CA ILE B 137 -11.18 21.04 4.37
C ILE B 137 -11.06 21.30 5.86
N SER B 138 -12.19 21.16 6.56
CA SER B 138 -12.24 21.35 8.02
C SER B 138 -11.37 20.38 8.81
N GLU B 139 -10.72 20.90 9.84
CA GLU B 139 -9.84 20.10 10.65
C GLU B 139 -10.31 20.10 12.10
N GLN B 140 -11.51 20.60 12.34
CA GLN B 140 -12.06 20.65 13.69
C GLN B 140 -13.29 19.78 13.87
N MET B 141 -13.46 19.20 15.05
CA MET B 141 -14.61 18.35 15.32
C MET B 141 -15.28 18.81 16.61
N LYS B 142 -16.59 18.68 16.67
CA LYS B 142 -17.33 19.03 17.87
C LYS B 142 -18.00 17.73 18.34
N HIS B 143 -17.99 17.47 19.63
CA HIS B 143 -18.60 16.26 20.17
C HIS B 143 -19.39 16.68 21.40
N SER B 144 -20.64 16.23 21.50
CA SER B 144 -21.46 16.60 22.64
C SER B 144 -22.65 15.68 22.83
N PHE B 145 -23.06 15.49 24.08
CA PHE B 145 -24.19 14.62 24.38
C PHE B 145 -25.48 15.42 24.45
N ALA B 146 -26.23 15.43 23.36
CA ALA B 146 -27.49 16.13 23.30
C ALA B 146 -28.58 15.14 22.90
N ASP B 147 -29.82 15.49 23.21
CA ASP B 147 -30.97 14.68 22.88
C ASP B 147 -30.71 13.20 23.10
N GLY B 148 -30.27 12.86 24.30
CA GLY B 148 -30.03 11.48 24.66
C GLY B 148 -28.89 10.74 24.00
N LYS B 149 -28.22 11.36 23.03
CA LYS B 149 -27.13 10.67 22.38
C LYS B 149 -25.88 11.56 22.27
N PHE B 150 -24.72 10.91 22.37
CA PHE B 150 -23.41 11.58 22.29
C PHE B 150 -22.91 11.52 20.85
N LYS B 151 -23.38 12.46 20.03
CA LYS B 151 -22.98 12.51 18.62
C LYS B 151 -21.71 13.33 18.37
N SER B 152 -21.14 13.15 17.17
CA SER B 152 -19.94 13.87 16.73
C SER B 152 -20.37 14.77 15.57
N ALA B 153 -19.43 15.55 15.04
CA ALA B 153 -19.72 16.45 13.92
C ALA B 153 -18.54 17.34 13.53
N VAL B 154 -18.40 17.60 12.24
CA VAL B 154 -17.34 18.45 11.71
C VAL B 154 -17.67 19.88 12.08
N PHE B 155 -16.68 20.68 12.40
CA PHE B 155 -16.94 22.06 12.77
C PHE B 155 -17.10 23.00 11.61
N GLU B 156 -18.28 23.64 11.57
CA GLU B 156 -18.62 24.60 10.53
C GLU B 156 -18.94 25.90 11.28
#